data_1HH6
#
_entry.id   1HH6
#
_cell.length_a   102.960
_cell.length_b   102.960
_cell.length_c   294.090
_cell.angle_alpha   90.00
_cell.angle_beta   90.00
_cell.angle_gamma   120.00
#
_symmetry.space_group_name_H-M   'P 61 2 2'
#
loop_
_entity.id
_entity.type
_entity.pdbx_description
1 polymer 'IGG2A KAPPA ANTIBODY CB41 (LIGHT CHAIN)'
2 polymer 'IGG2A KAPPA ANTIBODY CB41 (HEAVY CHAIN)'
3 polymer PEP-4
4 water water
#
loop_
_entity_poly.entity_id
_entity_poly.type
_entity_poly.pdbx_seq_one_letter_code
_entity_poly.pdbx_strand_id
1 'polypeptide(L)'
;DIKMTQSPSSMYTSLGERVTITCKASQDINSFLTWFLQKPGKSPKTLIYRANRLMIGVPSRFSGSGSGQTYSLTISSLEY
EDMGIYYCLQYDDFPLTFGAGTKLDLKRADAAPTVSIFPPSSEQLTSGGASVVCFLNNFYPKEINVKWKIDGSERQNGVL
DSWTEQDSKDSTYSMSSTLTLTKDEYERHNSYTCEATHKTSTSPIVKSFNRNEC
;
A
2 'polypeptide(L)'
;QDQLQQSGAELVRPGASVKLSCKALGYIFTDYEIHWVKQTPVHGLEWIGGIHPGSSGTAYNQKFKGKATLTADKSSTTAF
MELSSLTSEDSAVYYCTRKDYWGQGTLVTVSAAKTTAPSVYPLVPVCGGTTGSSVTLGCLVKGYFPEPVTLTWNSGSLSS
GVHTFPALLQSGLYTLSSSVTVTSNTWPSQTITCNVAHPASSTKVDKKIEPRV
;
B
3 'polypeptide(L)' DATPEDLGARL C
#
# COMPACT_ATOMS: atom_id res chain seq x y z
N ASP A 1 9.47 12.21 -24.58
CA ASP A 1 9.46 11.72 -23.17
C ASP A 1 10.37 10.52 -23.02
N ILE A 2 11.38 10.67 -22.19
CA ILE A 2 12.32 9.59 -21.95
C ILE A 2 11.58 8.50 -21.19
N LYS A 3 11.79 7.26 -21.62
CA LYS A 3 11.16 6.13 -20.97
C LYS A 3 12.24 5.34 -20.25
N MET A 4 12.03 5.10 -18.96
CA MET A 4 12.99 4.33 -18.20
C MET A 4 12.46 2.90 -18.08
N THR A 5 13.14 1.95 -18.71
CA THR A 5 12.68 0.57 -18.59
C THR A 5 13.53 -0.04 -17.47
N GLN A 6 12.89 -0.38 -16.36
CA GLN A 6 13.57 -0.94 -15.21
C GLN A 6 13.37 -2.45 -15.09
N SER A 7 14.41 -3.15 -14.66
CA SER A 7 14.31 -4.60 -14.50
C SER A 7 15.34 -5.12 -13.50
N PRO A 8 15.05 -6.28 -12.89
CA PRO A 8 13.82 -7.07 -13.12
C PRO A 8 12.69 -6.34 -12.40
N SER A 9 11.45 -6.75 -12.62
CA SER A 9 10.34 -6.08 -11.94
C SER A 9 10.13 -6.71 -10.56
N SER A 10 10.54 -7.96 -10.43
CA SER A 10 10.43 -8.69 -9.17
C SER A 10 11.74 -9.41 -8.85
N MET A 11 12.20 -9.23 -7.62
CA MET A 11 13.46 -9.83 -7.17
C MET A 11 13.22 -10.73 -5.95
N TYR A 12 13.56 -11.99 -6.14
CA TYR A 12 13.44 -13.09 -5.16
C TYR A 12 14.86 -13.23 -4.60
N THR A 13 15.09 -12.76 -3.38
CA THR A 13 16.45 -12.83 -2.85
C THR A 13 16.68 -13.38 -1.46
N SER A 14 17.96 -13.50 -1.13
CA SER A 14 18.42 -14.01 0.15
C SER A 14 19.35 -12.99 0.77
N LEU A 15 19.32 -12.89 2.10
CA LEU A 15 20.17 -11.95 2.79
C LEU A 15 21.62 -12.30 2.51
N GLY A 16 22.47 -11.28 2.41
CA GLY A 16 23.87 -11.50 2.12
C GLY A 16 24.15 -11.65 0.65
N GLU A 17 23.10 -11.89 -0.13
CA GLU A 17 23.25 -12.04 -1.57
C GLU A 17 23.59 -10.68 -2.21
N ARG A 18 24.23 -10.73 -3.38
CA ARG A 18 24.60 -9.54 -4.13
C ARG A 18 23.46 -9.27 -5.11
N VAL A 19 22.97 -8.04 -5.14
CA VAL A 19 21.83 -7.69 -6.01
C VAL A 19 22.10 -6.60 -7.06
N THR A 20 21.67 -6.86 -8.29
CA THR A 20 21.85 -5.88 -9.37
C THR A 20 20.53 -5.56 -10.04
N ILE A 21 20.20 -4.26 -10.07
CA ILE A 21 18.97 -3.76 -10.65
C ILE A 21 19.35 -2.85 -11.82
N THR A 22 18.56 -2.89 -12.90
CA THR A 22 18.88 -2.08 -14.07
C THR A 22 17.84 -1.12 -14.63
N CYS A 23 18.30 0.04 -15.07
CA CYS A 23 17.42 1.03 -15.69
C CYS A 23 18.00 1.44 -17.04
N LYS A 24 17.18 1.30 -18.07
CA LYS A 24 17.59 1.68 -19.41
C LYS A 24 16.75 2.84 -19.89
N ALA A 25 17.43 3.93 -20.23
CA ALA A 25 16.76 5.12 -20.74
C ALA A 25 16.55 4.92 -22.24
N SER A 26 15.42 5.40 -22.75
CA SER A 26 15.12 5.27 -24.17
C SER A 26 16.05 6.18 -24.99
N GLN A 27 16.86 6.97 -24.28
CA GLN A 27 17.84 7.86 -24.91
C GLN A 27 18.91 8.22 -23.89
N ASP A 28 19.99 8.81 -24.35
CA ASP A 28 21.11 9.20 -23.50
C ASP A 28 20.64 10.16 -22.42
N ILE A 29 20.93 9.87 -21.16
CA ILE A 29 20.50 10.77 -20.07
C ILE A 29 21.66 11.39 -19.30
N ASN A 30 22.86 11.16 -19.79
CA ASN A 30 24.09 11.74 -19.22
C ASN A 30 24.31 11.61 -17.71
N SER A 31 24.12 10.40 -17.19
CA SER A 31 24.33 10.15 -15.77
C SER A 31 23.45 10.96 -14.82
N PHE A 32 22.42 11.62 -15.32
CA PHE A 32 21.54 12.38 -14.44
C PHE A 32 20.40 11.48 -14.01
N LEU A 33 20.74 10.55 -13.12
CA LEU A 33 19.80 9.58 -12.59
C LEU A 33 20.00 9.35 -11.10
N THR A 34 18.93 8.99 -10.41
CA THR A 34 19.02 8.69 -8.99
C THR A 34 18.39 7.33 -8.77
N TRP A 35 18.85 6.67 -7.71
CA TRP A 35 18.32 5.38 -7.31
C TRP A 35 17.77 5.61 -5.90
N PHE A 36 16.50 5.31 -5.69
CA PHE A 36 15.91 5.46 -4.37
C PHE A 36 15.12 4.22 -3.98
N LEU A 37 14.97 4.04 -2.67
CA LEU A 37 14.24 2.90 -2.12
C LEU A 37 13.05 3.41 -1.35
N GLN A 38 11.95 2.65 -1.39
CA GLN A 38 10.75 3.04 -0.64
C GLN A 38 10.16 1.83 0.05
N LYS A 39 9.96 1.94 1.36
CA LYS A 39 9.39 0.85 2.12
C LYS A 39 7.88 1.07 2.25
N PRO A 40 7.13 -0.02 2.43
CA PRO A 40 5.67 0.08 2.56
C PRO A 40 5.21 1.17 3.52
N GLY A 41 4.29 2.00 3.03
CA GLY A 41 3.75 3.09 3.83
C GLY A 41 4.76 4.16 4.22
N LYS A 42 5.95 4.11 3.64
CA LYS A 42 6.98 5.10 3.97
C LYS A 42 7.37 5.97 2.77
N SER A 43 8.10 7.05 3.03
CA SER A 43 8.50 7.96 1.95
C SER A 43 9.81 7.51 1.29
N PRO A 44 10.05 7.93 0.05
CA PRO A 44 11.27 7.55 -0.65
C PRO A 44 12.55 8.00 0.02
N LYS A 45 13.58 7.17 -0.09
CA LYS A 45 14.89 7.47 0.47
C LYS A 45 15.87 7.29 -0.69
N THR A 46 16.64 8.34 -0.97
CA THR A 46 17.59 8.28 -2.07
C THR A 46 18.87 7.57 -1.63
N LEU A 47 19.41 6.76 -2.53
CA LEU A 47 20.62 6.02 -2.27
C LEU A 47 21.74 6.61 -3.10
N ILE A 48 21.43 6.89 -4.36
CA ILE A 48 22.40 7.39 -5.32
C ILE A 48 21.91 8.54 -6.20
N TYR A 49 22.77 9.54 -6.39
CA TYR A 49 22.44 10.63 -7.29
C TYR A 49 23.56 10.73 -8.31
N ARG A 50 23.21 11.28 -9.47
CA ARG A 50 24.13 11.43 -10.59
C ARG A 50 24.82 10.11 -10.94
N ALA A 51 24.01 9.06 -11.05
CA ALA A 51 24.45 7.72 -11.42
C ALA A 51 25.39 6.96 -10.50
N ASN A 52 26.33 7.63 -9.85
CA ASN A 52 27.26 6.89 -9.02
C ASN A 52 27.67 7.55 -7.71
N ARG A 53 26.99 8.61 -7.30
CA ARG A 53 27.34 9.27 -6.05
C ARG A 53 26.50 8.78 -4.88
N LEU A 54 27.17 8.33 -3.82
CA LEU A 54 26.50 7.83 -2.63
C LEU A 54 25.88 8.95 -1.82
N MET A 55 24.61 8.80 -1.45
CA MET A 55 23.95 9.81 -0.64
C MET A 55 24.60 9.72 0.73
N ILE A 56 24.99 10.87 1.27
CA ILE A 56 25.61 10.87 2.59
C ILE A 56 24.73 10.07 3.55
N GLY A 57 25.36 9.24 4.37
CA GLY A 57 24.61 8.43 5.32
C GLY A 57 24.23 7.05 4.80
N VAL A 58 24.28 6.86 3.49
CA VAL A 58 23.92 5.58 2.88
C VAL A 58 25.10 4.62 2.94
N PRO A 59 24.86 3.38 3.37
CA PRO A 59 25.94 2.38 3.46
C PRO A 59 26.61 2.06 2.12
N SER A 60 27.92 1.89 2.19
CA SER A 60 28.76 1.60 1.02
C SER A 60 28.45 0.32 0.24
N ARG A 61 27.63 -0.57 0.81
CA ARG A 61 27.28 -1.79 0.10
C ARG A 61 26.40 -1.44 -1.12
N PHE A 62 26.02 -0.17 -1.22
CA PHE A 62 25.22 0.33 -2.34
C PHE A 62 26.16 1.07 -3.31
N SER A 63 26.03 0.82 -4.61
CA SER A 63 26.84 1.51 -5.60
C SER A 63 26.14 1.52 -6.95
N GLY A 64 26.35 2.59 -7.70
CA GLY A 64 25.73 2.72 -9.01
C GLY A 64 26.74 2.89 -10.13
N SER A 65 26.33 2.54 -11.34
CA SER A 65 27.20 2.66 -12.51
C SER A 65 26.37 2.82 -13.78
N GLY A 66 27.05 3.05 -14.90
CA GLY A 66 26.37 3.25 -16.17
C GLY A 66 26.78 4.61 -16.70
N SER A 67 26.45 4.93 -17.95
CA SER A 67 26.86 6.22 -18.48
C SER A 67 26.05 6.79 -19.64
N GLY A 68 25.43 5.93 -20.43
CA GLY A 68 24.66 6.45 -21.54
C GLY A 68 23.18 6.26 -21.35
N GLN A 69 22.72 5.06 -21.65
CA GLN A 69 21.33 4.71 -21.52
C GLN A 69 21.16 3.60 -20.47
N THR A 70 22.28 2.97 -20.12
CA THR A 70 22.24 1.85 -19.19
C THR A 70 22.91 2.11 -17.85
N TYR A 71 22.10 2.09 -16.79
CA TYR A 71 22.62 2.31 -15.46
C TYR A 71 22.24 1.16 -14.55
N SER A 72 23.10 0.90 -13.56
CA SER A 72 22.85 -0.18 -12.63
C SER A 72 23.10 0.15 -11.17
N LEU A 73 22.22 -0.37 -10.32
CA LEU A 73 22.34 -0.19 -8.89
C LEU A 73 22.77 -1.56 -8.37
N THR A 74 23.85 -1.58 -7.59
CA THR A 74 24.32 -2.85 -7.05
C THR A 74 24.38 -2.82 -5.54
N ILE A 75 23.85 -3.86 -4.91
CA ILE A 75 23.88 -3.98 -3.46
C ILE A 75 24.81 -5.16 -3.23
N SER A 76 26.01 -4.88 -2.73
CA SER A 76 27.02 -5.91 -2.52
C SER A 76 26.56 -7.07 -1.67
N SER A 77 25.91 -6.76 -0.54
CA SER A 77 25.42 -7.82 0.35
C SER A 77 24.09 -7.43 0.97
N LEU A 78 23.03 -8.02 0.45
CA LEU A 78 21.67 -7.74 0.89
C LEU A 78 21.39 -7.87 2.40
N GLU A 79 20.79 -6.85 2.98
CA GLU A 79 20.46 -6.87 4.39
C GLU A 79 18.94 -6.78 4.58
N TYR A 80 18.45 -7.17 5.74
CA TYR A 80 17.01 -7.12 5.99
C TYR A 80 16.47 -5.72 5.79
N GLU A 81 17.23 -4.72 6.24
CA GLU A 81 16.85 -3.32 6.10
C GLU A 81 16.58 -2.92 4.65
N ASP A 82 17.19 -3.64 3.71
CA ASP A 82 17.06 -3.33 2.30
C ASP A 82 15.79 -3.73 1.58
N MET A 83 14.92 -4.54 2.21
CA MET A 83 13.69 -4.94 1.54
C MET A 83 12.82 -3.71 1.24
N GLY A 84 12.13 -3.75 0.11
CA GLY A 84 11.28 -2.65 -0.29
C GLY A 84 11.30 -2.57 -1.80
N ILE A 85 10.81 -1.46 -2.36
CA ILE A 85 10.83 -1.33 -3.81
C ILE A 85 11.88 -0.31 -4.25
N TYR A 86 12.74 -0.70 -5.18
CA TYR A 86 13.75 0.22 -5.69
C TYR A 86 13.29 0.91 -7.00
N TYR A 87 13.66 2.17 -7.14
CA TYR A 87 13.27 2.95 -8.30
C TYR A 87 14.39 3.83 -8.80
N CYS A 88 14.41 4.06 -10.11
CA CYS A 88 15.38 4.97 -10.70
C CYS A 88 14.60 6.15 -11.23
N LEU A 89 15.24 7.30 -11.26
CA LEU A 89 14.61 8.52 -11.72
C LEU A 89 15.58 9.28 -12.61
N GLN A 90 15.14 9.61 -13.82
CA GLN A 90 16.00 10.40 -14.70
C GLN A 90 15.55 11.86 -14.59
N TYR A 91 16.50 12.77 -14.55
CA TYR A 91 16.17 14.18 -14.48
C TYR A 91 17.07 14.96 -15.44
N ASP A 92 17.42 14.31 -16.54
CA ASP A 92 18.27 14.94 -17.54
C ASP A 92 17.45 15.94 -18.35
N ASP A 93 16.15 15.66 -18.47
CA ASP A 93 15.27 16.54 -19.24
C ASP A 93 13.80 16.33 -18.88
N PHE A 94 13.03 17.41 -18.87
CA PHE A 94 11.61 17.33 -18.53
C PHE A 94 10.83 16.64 -19.64
N PRO A 95 9.77 15.90 -19.28
CA PRO A 95 9.30 15.70 -17.91
C PRO A 95 10.14 14.67 -17.16
N LEU A 96 10.28 14.85 -15.84
CA LEU A 96 11.05 13.90 -15.03
C LEU A 96 10.37 12.57 -15.21
N THR A 97 11.16 11.51 -15.33
CA THR A 97 10.61 10.20 -15.56
C THR A 97 11.13 9.10 -14.64
N PHE A 98 10.24 8.19 -14.26
CA PHE A 98 10.58 7.09 -13.35
C PHE A 98 10.55 5.69 -13.95
N GLY A 99 11.30 4.79 -13.33
CA GLY A 99 11.29 3.40 -13.75
C GLY A 99 10.10 2.81 -13.00
N ALA A 100 9.60 1.68 -13.49
CA ALA A 100 8.44 1.05 -12.86
C ALA A 100 8.79 0.43 -11.51
N GLY A 101 10.07 0.40 -11.19
CA GLY A 101 10.51 -0.13 -9.91
C GLY A 101 10.67 -1.64 -9.85
N THR A 102 11.47 -2.09 -8.89
CA THR A 102 11.63 -3.52 -8.73
C THR A 102 11.42 -3.88 -7.28
N LYS A 103 10.57 -4.87 -7.08
CA LYS A 103 10.20 -5.36 -5.76
C LYS A 103 11.23 -6.37 -5.27
N LEU A 104 11.80 -6.10 -4.10
CA LEU A 104 12.78 -7.01 -3.53
C LEU A 104 11.99 -7.83 -2.51
N ASP A 105 12.18 -9.15 -2.54
CA ASP A 105 11.46 -10.03 -1.63
C ASP A 105 12.33 -11.19 -1.17
N LEU A 106 12.22 -11.54 0.11
CA LEU A 106 13.00 -12.63 0.67
C LEU A 106 12.47 -13.97 0.20
N LYS A 107 13.34 -14.77 -0.41
CA LYS A 107 12.97 -16.09 -0.91
C LYS A 107 12.86 -17.14 0.18
N ARG A 108 12.11 -18.20 -0.12
CA ARG A 108 11.90 -19.34 0.77
C ARG A 108 11.08 -20.39 0.05
N ALA A 109 10.97 -21.56 0.68
CA ALA A 109 10.22 -22.68 0.10
C ALA A 109 8.80 -22.27 -0.24
N ASP A 110 8.23 -22.93 -1.23
CA ASP A 110 6.87 -22.65 -1.65
C ASP A 110 5.91 -23.12 -0.57
N ALA A 111 4.94 -22.28 -0.24
CA ALA A 111 3.95 -22.63 0.76
C ALA A 111 2.54 -22.31 0.25
N ALA A 112 1.67 -23.32 0.30
CA ALA A 112 0.30 -23.15 -0.15
C ALA A 112 -0.43 -22.34 0.92
N PRO A 113 -1.58 -21.77 0.57
CA PRO A 113 -2.32 -20.97 1.55
C PRO A 113 -3.22 -21.82 2.45
N THR A 114 -3.44 -21.33 3.67
CA THR A 114 -4.34 -22.00 4.60
C THR A 114 -5.64 -21.21 4.38
N VAL A 115 -6.65 -21.90 3.85
CA VAL A 115 -7.92 -21.24 3.53
C VAL A 115 -9.09 -21.50 4.48
N SER A 116 -9.77 -20.43 4.86
CA SER A 116 -10.91 -20.45 5.77
C SER A 116 -12.07 -19.58 5.22
N ILE A 117 -13.29 -20.11 5.27
CA ILE A 117 -14.48 -19.40 4.76
C ILE A 117 -15.42 -19.01 5.90
N PHE A 118 -15.99 -17.81 5.84
CA PHE A 118 -16.86 -17.34 6.91
C PHE A 118 -18.20 -16.79 6.45
N PRO A 119 -19.29 -17.48 6.79
CA PRO A 119 -20.63 -17.03 6.41
C PRO A 119 -20.89 -15.72 7.11
N PRO A 120 -21.91 -14.98 6.68
CA PRO A 120 -22.20 -13.71 7.35
C PRO A 120 -22.50 -13.93 8.83
N SER A 121 -22.18 -12.94 9.65
CA SER A 121 -22.47 -13.05 11.08
C SER A 121 -23.97 -12.74 11.22
N SER A 122 -24.57 -13.19 12.31
CA SER A 122 -25.99 -12.93 12.53
C SER A 122 -26.24 -11.44 12.68
N GLU A 123 -25.35 -10.77 13.41
CA GLU A 123 -25.49 -9.34 13.62
C GLU A 123 -25.58 -8.59 12.30
N GLN A 124 -24.73 -8.97 11.35
CA GLN A 124 -24.76 -8.30 10.07
C GLN A 124 -26.06 -8.65 9.35
N LEU A 125 -26.40 -9.93 9.32
CA LEU A 125 -27.61 -10.37 8.64
C LEU A 125 -28.84 -9.62 9.15
N THR A 126 -28.76 -9.15 10.39
CA THR A 126 -29.86 -8.40 10.96
C THR A 126 -29.82 -6.97 10.40
N SER A 127 -28.62 -6.48 10.12
CA SER A 127 -28.44 -5.14 9.57
C SER A 127 -29.00 -5.05 8.15
N GLY A 128 -29.09 -6.19 7.48
CA GLY A 128 -29.61 -6.22 6.12
C GLY A 128 -28.57 -6.61 5.10
N GLY A 129 -27.29 -6.54 5.49
CA GLY A 129 -26.22 -6.91 4.58
C GLY A 129 -25.73 -8.33 4.81
N ALA A 130 -24.90 -8.82 3.89
CA ALA A 130 -24.35 -10.18 4.01
C ALA A 130 -22.97 -10.33 3.38
N SER A 131 -21.92 -10.25 4.21
CA SER A 131 -20.54 -10.39 3.71
C SER A 131 -19.94 -11.77 3.96
N VAL A 132 -19.53 -12.45 2.90
CA VAL A 132 -18.91 -13.76 3.01
C VAL A 132 -17.40 -13.55 2.93
N VAL A 133 -16.70 -13.83 4.01
CA VAL A 133 -15.25 -13.64 4.07
C VAL A 133 -14.47 -14.90 3.83
N CYS A 134 -13.27 -14.76 3.30
CA CYS A 134 -12.42 -15.91 3.02
C CYS A 134 -10.95 -15.52 3.14
N PHE A 135 -10.23 -16.17 4.05
CA PHE A 135 -8.82 -15.85 4.25
C PHE A 135 -7.89 -16.86 3.59
N LEU A 136 -6.93 -16.34 2.85
CA LEU A 136 -5.92 -17.19 2.21
C LEU A 136 -4.64 -16.74 2.93
N ASN A 137 -4.31 -17.45 4.01
CA ASN A 137 -3.15 -17.11 4.83
C ASN A 137 -1.85 -17.88 4.66
N ASN A 138 -0.76 -17.16 4.92
CA ASN A 138 0.60 -17.65 4.88
C ASN A 138 1.03 -18.51 3.71
N PHE A 139 1.19 -17.89 2.56
CA PHE A 139 1.64 -18.61 1.37
C PHE A 139 2.83 -17.90 0.73
N TYR A 140 3.43 -18.56 -0.25
CA TYR A 140 4.57 -18.01 -0.99
C TYR A 140 4.71 -18.79 -2.29
N PRO A 141 4.97 -18.09 -3.42
CA PRO A 141 5.14 -16.63 -3.58
C PRO A 141 3.85 -15.85 -3.40
N LYS A 142 3.98 -14.52 -3.41
CA LYS A 142 2.85 -13.60 -3.25
C LYS A 142 1.78 -13.75 -4.33
N GLU A 143 2.10 -14.49 -5.39
CA GLU A 143 1.18 -14.69 -6.51
C GLU A 143 0.01 -15.60 -6.20
N ILE A 144 -1.21 -15.07 -6.23
CA ILE A 144 -2.36 -15.90 -5.95
C ILE A 144 -3.67 -15.39 -6.54
N ASN A 145 -4.50 -16.33 -7.00
CA ASN A 145 -5.80 -16.02 -7.59
C ASN A 145 -6.96 -16.60 -6.78
N VAL A 146 -8.00 -15.80 -6.60
CA VAL A 146 -9.18 -16.25 -5.88
C VAL A 146 -10.45 -16.10 -6.72
N LYS A 147 -11.31 -17.10 -6.68
CA LYS A 147 -12.57 -17.07 -7.40
C LYS A 147 -13.71 -17.49 -6.51
N TRP A 148 -14.84 -16.80 -6.62
CA TRP A 148 -16.01 -17.14 -5.83
C TRP A 148 -17.07 -17.81 -6.72
N LYS A 149 -17.97 -18.55 -6.07
CA LYS A 149 -19.04 -19.25 -6.79
C LYS A 149 -20.27 -19.40 -5.93
N ILE A 150 -21.41 -18.95 -6.44
CA ILE A 150 -22.66 -19.10 -5.71
C ILE A 150 -23.40 -20.22 -6.45
N ASP A 151 -23.97 -21.15 -5.68
CA ASP A 151 -24.69 -22.29 -6.25
C ASP A 151 -24.08 -22.80 -7.56
N GLY A 152 -22.76 -22.96 -7.58
CA GLY A 152 -22.10 -23.47 -8.77
C GLY A 152 -21.54 -22.53 -9.82
N SER A 153 -21.99 -21.29 -9.86
CA SER A 153 -21.48 -20.35 -10.88
C SER A 153 -20.71 -19.16 -10.31
N GLU A 154 -19.71 -18.72 -11.08
CA GLU A 154 -18.85 -17.62 -10.69
C GLU A 154 -19.51 -16.26 -10.43
N ARG A 155 -19.16 -15.68 -9.28
CA ARG A 155 -19.66 -14.40 -8.86
C ARG A 155 -18.50 -13.40 -9.05
N GLN A 156 -18.67 -12.47 -9.97
CA GLN A 156 -17.63 -11.50 -10.28
C GLN A 156 -17.54 -10.28 -9.38
N ASN A 157 -18.64 -9.56 -9.17
CA ASN A 157 -18.55 -8.39 -8.31
C ASN A 157 -19.14 -8.58 -6.93
N GLY A 158 -18.76 -7.69 -6.03
CA GLY A 158 -19.18 -7.77 -4.66
C GLY A 158 -17.95 -8.27 -3.94
N VAL A 159 -16.90 -8.53 -4.72
CA VAL A 159 -15.63 -9.03 -4.22
C VAL A 159 -14.58 -7.93 -4.03
N LEU A 160 -13.98 -7.90 -2.85
CA LEU A 160 -12.94 -6.93 -2.54
C LEU A 160 -11.75 -7.68 -1.91
N ASP A 161 -10.55 -7.48 -2.44
CA ASP A 161 -9.38 -8.17 -1.93
C ASP A 161 -8.32 -7.25 -1.34
N SER A 162 -7.61 -7.77 -0.35
CA SER A 162 -6.58 -7.02 0.37
C SER A 162 -5.40 -7.93 0.71
N TRP A 163 -4.19 -7.43 0.50
CA TRP A 163 -2.95 -8.17 0.76
C TRP A 163 -2.09 -7.57 1.86
N THR A 164 -1.38 -8.44 2.57
CA THR A 164 -0.43 -8.00 3.60
C THR A 164 0.91 -8.02 2.88
N GLU A 165 1.94 -7.42 3.45
CA GLU A 165 3.24 -7.54 2.81
C GLU A 165 3.92 -8.74 3.44
N GLN A 166 5.00 -9.20 2.83
CA GLN A 166 5.73 -10.35 3.33
C GLN A 166 5.93 -10.26 4.84
N ASP A 167 5.63 -11.36 5.53
CA ASP A 167 5.77 -11.45 6.98
C ASP A 167 7.27 -11.39 7.29
N SER A 168 7.64 -10.67 8.34
CA SER A 168 9.04 -10.54 8.72
C SER A 168 9.65 -11.83 9.30
N LYS A 169 8.81 -12.69 9.86
CA LYS A 169 9.29 -13.94 10.44
C LYS A 169 9.28 -15.13 9.49
N ASP A 170 8.14 -15.42 8.85
CA ASP A 170 8.08 -16.58 7.97
C ASP A 170 8.18 -16.30 6.49
N SER A 171 8.25 -15.01 6.13
CA SER A 171 8.39 -14.63 4.72
C SER A 171 7.22 -15.00 3.83
N THR A 172 6.05 -15.18 4.42
CA THR A 172 4.87 -15.53 3.62
C THR A 172 4.01 -14.29 3.40
N TYR A 173 2.91 -14.50 2.67
CA TYR A 173 1.96 -13.44 2.37
C TYR A 173 0.57 -13.95 2.69
N SER A 174 -0.36 -13.03 2.93
CA SER A 174 -1.75 -13.39 3.24
C SER A 174 -2.70 -12.41 2.57
N MET A 175 -3.84 -12.90 2.13
CA MET A 175 -4.81 -12.02 1.52
C MET A 175 -6.24 -12.33 1.98
N SER A 176 -7.05 -11.29 2.06
CA SER A 176 -8.43 -11.41 2.51
C SER A 176 -9.37 -11.13 1.34
N SER A 177 -10.33 -12.02 1.12
CA SER A 177 -11.31 -11.82 0.06
C SER A 177 -12.71 -11.74 0.66
N THR A 178 -13.40 -10.64 0.39
CA THR A 178 -14.75 -10.46 0.92
C THR A 178 -15.76 -10.28 -0.20
N LEU A 179 -16.81 -11.11 -0.18
CA LEU A 179 -17.88 -11.03 -1.17
C LEU A 179 -19.08 -10.45 -0.45
N THR A 180 -19.51 -9.25 -0.87
CA THR A 180 -20.64 -8.61 -0.23
C THR A 180 -21.90 -8.61 -1.08
N LEU A 181 -23.02 -8.93 -0.45
CA LEU A 181 -24.32 -8.96 -1.10
C LEU A 181 -25.32 -8.40 -0.11
N THR A 182 -26.59 -8.34 -0.52
CA THR A 182 -27.65 -7.88 0.37
C THR A 182 -28.11 -9.14 1.09
N LYS A 183 -28.76 -8.97 2.24
CA LYS A 183 -29.26 -10.12 2.98
C LYS A 183 -30.14 -10.94 2.04
N ASP A 184 -31.05 -10.26 1.35
CA ASP A 184 -31.99 -10.89 0.43
C ASP A 184 -31.35 -11.65 -0.73
N GLU A 185 -30.34 -11.09 -1.35
CA GLU A 185 -29.71 -11.80 -2.47
C GLU A 185 -29.01 -13.04 -1.93
N TYR A 186 -28.42 -12.90 -0.74
CA TYR A 186 -27.72 -14.00 -0.08
C TYR A 186 -28.67 -15.15 0.27
N GLU A 187 -29.87 -14.80 0.71
CA GLU A 187 -30.84 -15.80 1.10
C GLU A 187 -31.60 -16.42 -0.06
N ARG A 188 -31.12 -16.16 -1.28
CA ARG A 188 -31.75 -16.72 -2.48
C ARG A 188 -30.83 -17.78 -3.04
N HIS A 189 -29.74 -18.06 -2.32
CA HIS A 189 -28.77 -19.05 -2.76
C HIS A 189 -28.34 -19.97 -1.62
N ASN A 190 -27.76 -21.12 -1.95
CA ASN A 190 -27.36 -22.04 -0.89
C ASN A 190 -25.86 -22.23 -0.67
N SER A 191 -25.14 -22.71 -1.68
CA SER A 191 -23.73 -22.95 -1.52
C SER A 191 -22.79 -21.87 -2.02
N TYR A 192 -22.02 -21.32 -1.10
CA TYR A 192 -21.05 -20.29 -1.40
C TYR A 192 -19.66 -20.91 -1.31
N THR A 193 -18.91 -20.84 -2.39
CA THR A 193 -17.58 -21.42 -2.42
C THR A 193 -16.47 -20.41 -2.64
N CYS A 194 -15.32 -20.73 -2.05
CA CYS A 194 -14.13 -19.91 -2.12
C CYS A 194 -13.04 -20.77 -2.73
N GLU A 195 -12.50 -20.35 -3.88
CA GLU A 195 -11.45 -21.12 -4.56
C GLU A 195 -10.13 -20.37 -4.73
N ALA A 196 -9.05 -20.98 -4.23
CA ALA A 196 -7.74 -20.36 -4.32
C ALA A 196 -6.80 -21.14 -5.22
N THR A 197 -6.23 -20.46 -6.20
CA THR A 197 -5.28 -21.09 -7.11
C THR A 197 -3.92 -20.47 -6.82
N HIS A 198 -2.90 -21.31 -6.69
CA HIS A 198 -1.57 -20.84 -6.35
C HIS A 198 -0.54 -21.79 -6.95
N LYS A 199 0.63 -21.25 -7.29
CA LYS A 199 1.71 -22.03 -7.90
C LYS A 199 1.92 -23.41 -7.26
N THR A 200 1.76 -23.48 -5.94
CA THR A 200 1.96 -24.73 -5.21
C THR A 200 1.06 -25.90 -5.59
N SER A 201 0.14 -25.71 -6.54
CA SER A 201 -0.75 -26.80 -6.92
C SER A 201 -1.58 -26.53 -8.16
N THR A 202 -1.84 -27.60 -8.91
CA THR A 202 -2.64 -27.52 -10.13
C THR A 202 -4.11 -27.33 -9.77
N SER A 203 -4.63 -28.25 -8.96
CA SER A 203 -6.02 -28.18 -8.52
C SER A 203 -6.12 -27.07 -7.48
N PRO A 204 -7.19 -26.26 -7.55
CA PRO A 204 -7.37 -25.16 -6.58
C PRO A 204 -7.77 -25.66 -5.21
N ILE A 205 -7.54 -24.84 -4.18
CA ILE A 205 -7.93 -25.19 -2.84
C ILE A 205 -9.36 -24.69 -2.75
N VAL A 206 -10.30 -25.59 -2.47
CA VAL A 206 -11.70 -25.22 -2.40
C VAL A 206 -12.23 -25.24 -0.97
N LYS A 207 -13.01 -24.24 -0.62
CA LYS A 207 -13.57 -24.12 0.71
C LYS A 207 -14.98 -23.59 0.53
N SER A 208 -15.97 -24.25 1.14
CA SER A 208 -17.34 -23.77 1.00
C SER A 208 -18.29 -24.24 2.07
N PHE A 209 -19.47 -23.63 2.05
CA PHE A 209 -20.53 -23.97 2.98
C PHE A 209 -21.88 -23.79 2.29
N ASN A 210 -22.92 -24.31 2.93
CA ASN A 210 -24.27 -24.17 2.41
C ASN A 210 -25.03 -23.40 3.48
N ARG A 211 -25.97 -22.55 3.05
CA ARG A 211 -26.77 -21.78 3.98
C ARG A 211 -27.68 -22.71 4.75
N ASN A 212 -28.23 -23.69 4.04
CA ASN A 212 -29.17 -24.64 4.63
C ASN A 212 -28.55 -25.47 5.73
N GLU A 213 -27.22 -25.51 5.78
CA GLU A 213 -26.54 -26.27 6.82
C GLU A 213 -26.34 -25.36 8.03
N CYS A 214 -26.17 -24.06 7.76
CA CYS A 214 -25.96 -23.08 8.81
C CYS A 214 -25.44 -21.73 8.29
N GLN B 1 22.29 20.47 7.19
CA GLN B 1 21.35 19.31 7.25
C GLN B 1 20.74 18.98 5.89
N ASP B 2 19.66 18.20 5.92
CA ASP B 2 18.96 17.77 4.71
C ASP B 2 17.49 17.47 5.02
N GLN B 3 16.61 18.44 4.89
CA GLN B 3 15.23 18.17 5.24
C GLN B 3 14.12 18.92 4.50
N LEU B 4 13.03 18.20 4.28
CA LEU B 4 11.85 18.71 3.63
C LEU B 4 10.72 18.21 4.51
N GLN B 5 9.92 19.13 5.05
CA GLN B 5 8.80 18.75 5.90
C GLN B 5 7.53 19.25 5.25
N GLN B 6 6.59 18.32 5.04
CA GLN B 6 5.33 18.66 4.38
C GLN B 6 4.15 18.83 5.31
N SER B 7 3.19 19.63 4.86
CA SER B 7 1.97 19.89 5.62
C SER B 7 1.18 18.59 5.86
N GLY B 8 0.23 18.66 6.80
CA GLY B 8 -0.56 17.50 7.19
C GLY B 8 -1.58 16.97 6.19
N ALA B 9 -2.14 15.81 6.50
CA ALA B 9 -3.13 15.15 5.65
C ALA B 9 -4.29 16.09 5.37
N GLU B 10 -4.87 15.96 4.19
CA GLU B 10 -6.00 16.79 3.78
C GLU B 10 -7.21 15.96 3.41
N LEU B 11 -8.36 16.37 3.93
CA LEU B 11 -9.63 15.73 3.64
C LEU B 11 -10.45 16.81 2.97
N VAL B 12 -10.57 16.73 1.65
CA VAL B 12 -11.30 17.74 0.90
C VAL B 12 -12.39 17.25 -0.04
N ARG B 13 -13.43 18.06 -0.18
CA ARG B 13 -14.58 17.74 -1.03
C ARG B 13 -14.32 17.91 -2.53
N PRO B 14 -15.04 17.13 -3.35
CA PRO B 14 -14.87 17.22 -4.80
C PRO B 14 -15.27 18.61 -5.31
N GLY B 15 -14.47 19.13 -6.23
CA GLY B 15 -14.72 20.44 -6.81
C GLY B 15 -13.96 21.52 -6.06
N ALA B 16 -13.41 21.15 -4.91
CA ALA B 16 -12.67 22.10 -4.09
C ALA B 16 -11.21 22.16 -4.46
N SER B 17 -10.47 22.97 -3.71
CA SER B 17 -9.04 23.14 -3.91
C SER B 17 -8.29 22.88 -2.62
N VAL B 18 -6.97 22.74 -2.74
CA VAL B 18 -6.10 22.53 -1.60
C VAL B 18 -4.75 23.09 -1.97
N LYS B 19 -4.01 23.54 -0.97
CA LYS B 19 -2.68 24.07 -1.19
C LYS B 19 -1.77 23.33 -0.22
N LEU B 20 -0.77 22.65 -0.76
CA LEU B 20 0.15 21.90 0.08
C LEU B 20 1.46 22.66 0.26
N SER B 21 2.11 22.48 1.40
CA SER B 21 3.36 23.18 1.65
C SER B 21 4.54 22.23 1.90
N CYS B 22 5.74 22.72 1.61
CA CYS B 22 6.97 21.95 1.76
C CYS B 22 8.07 22.86 2.33
N LYS B 23 8.31 22.73 3.63
CA LYS B 23 9.31 23.54 4.31
C LYS B 23 10.68 22.94 4.07
N ALA B 24 11.62 23.79 3.65
CA ALA B 24 12.99 23.36 3.39
C ALA B 24 13.90 23.80 4.55
N LEU B 25 14.73 22.88 5.04
CA LEU B 25 15.64 23.15 6.15
C LEU B 25 16.99 22.49 5.89
N GLY B 26 18.06 23.13 6.36
CA GLY B 26 19.40 22.57 6.21
C GLY B 26 20.20 22.87 4.95
N TYR B 27 19.66 23.66 4.03
CA TYR B 27 20.39 24.00 2.81
C TYR B 27 19.85 25.33 2.26
N ILE B 28 20.52 25.86 1.25
CA ILE B 28 20.10 27.14 0.68
C ILE B 28 18.95 27.01 -0.30
N PHE B 29 17.76 27.34 0.21
CA PHE B 29 16.50 27.29 -0.53
C PHE B 29 16.58 27.81 -1.96
N THR B 30 17.18 28.97 -2.16
CA THR B 30 17.25 29.53 -3.51
C THR B 30 18.31 28.95 -4.43
N ASP B 31 18.90 27.81 -4.06
CA ASP B 31 19.90 27.20 -4.92
C ASP B 31 19.46 25.90 -5.60
N TYR B 32 18.38 25.30 -5.13
CA TYR B 32 17.88 24.06 -5.72
C TYR B 32 16.43 24.13 -6.14
N GLU B 33 16.08 23.34 -7.15
CA GLU B 33 14.70 23.29 -7.61
C GLU B 33 13.99 22.37 -6.62
N ILE B 34 12.71 22.60 -6.43
CA ILE B 34 11.92 21.72 -5.58
C ILE B 34 10.85 21.19 -6.51
N HIS B 35 10.66 19.88 -6.48
CA HIS B 35 9.69 19.24 -7.33
C HIS B 35 8.61 18.49 -6.56
N TRP B 36 7.50 18.27 -7.23
CA TRP B 36 6.39 17.58 -6.63
C TRP B 36 6.07 16.33 -7.43
N VAL B 37 5.79 15.25 -6.70
CA VAL B 37 5.49 13.96 -7.29
C VAL B 37 4.21 13.36 -6.71
N LYS B 38 3.37 12.81 -7.58
CA LYS B 38 2.13 12.17 -7.16
C LYS B 38 2.34 10.63 -7.13
N GLN B 39 1.71 9.97 -6.16
CA GLN B 39 1.83 8.52 -6.06
C GLN B 39 0.52 7.86 -5.66
N THR B 40 0.02 6.99 -6.51
CA THR B 40 -1.23 6.29 -6.22
C THR B 40 -1.01 4.82 -6.51
N PRO B 41 -1.74 3.93 -5.83
CA PRO B 41 -1.63 2.48 -6.02
C PRO B 41 -1.71 2.17 -7.51
N VAL B 42 -2.83 2.55 -8.11
CA VAL B 42 -3.07 2.31 -9.53
C VAL B 42 -2.12 2.98 -10.54
N HIS B 43 -1.73 4.22 -10.30
CA HIS B 43 -0.88 4.89 -11.28
C HIS B 43 0.60 5.05 -10.98
N GLY B 44 1.02 4.63 -9.79
CA GLY B 44 2.43 4.73 -9.45
C GLY B 44 2.92 6.15 -9.30
N LEU B 45 4.22 6.35 -9.53
CA LEU B 45 4.83 7.67 -9.41
C LEU B 45 4.62 8.54 -10.65
N GLU B 46 4.29 9.82 -10.44
CA GLU B 46 4.10 10.76 -11.54
C GLU B 46 4.68 12.11 -11.22
N TRP B 47 5.63 12.57 -12.02
CA TRP B 47 6.22 13.89 -11.83
C TRP B 47 5.16 14.95 -12.17
N ILE B 48 4.99 15.94 -11.30
CA ILE B 48 3.99 16.98 -11.55
C ILE B 48 4.63 18.24 -12.11
N GLY B 49 5.73 18.67 -11.50
CA GLY B 49 6.42 19.86 -11.94
C GLY B 49 7.44 20.34 -10.91
N GLY B 50 8.21 21.35 -11.29
CA GLY B 50 9.22 21.88 -10.39
C GLY B 50 9.26 23.40 -10.39
N ILE B 51 9.90 23.95 -9.36
CA ILE B 51 10.04 25.39 -9.20
C ILE B 51 11.44 25.69 -8.68
N HIS B 52 12.03 26.78 -9.15
CA HIS B 52 13.36 27.17 -8.67
C HIS B 52 13.08 28.41 -7.82
N PRO B 53 13.14 28.29 -6.49
CA PRO B 53 12.89 29.43 -5.60
C PRO B 53 13.70 30.67 -5.96
N GLY B 54 14.92 30.45 -6.46
CA GLY B 54 15.78 31.56 -6.84
C GLY B 54 15.29 32.37 -8.03
N SER B 55 15.08 31.70 -9.16
CA SER B 55 14.63 32.39 -10.36
C SER B 55 13.11 32.38 -10.52
N SER B 56 12.43 31.56 -9.70
CA SER B 56 10.98 31.42 -9.74
C SER B 56 10.57 30.64 -10.97
N GLY B 57 11.54 30.10 -11.68
CA GLY B 57 11.23 29.33 -12.88
C GLY B 57 10.50 28.04 -12.55
N THR B 58 9.61 27.63 -13.45
CA THR B 58 8.84 26.42 -13.26
C THR B 58 8.78 25.58 -14.52
N ALA B 59 8.43 24.31 -14.33
CA ALA B 59 8.28 23.35 -15.41
C ALA B 59 7.18 22.42 -14.94
N TYR B 60 6.17 22.19 -15.77
CA TYR B 60 5.08 21.31 -15.39
C TYR B 60 4.93 20.12 -16.31
N ASN B 61 4.36 19.06 -15.77
CA ASN B 61 4.06 17.87 -16.54
C ASN B 61 2.81 18.33 -17.28
N GLN B 62 2.84 18.29 -18.61
CA GLN B 62 1.71 18.72 -19.42
C GLN B 62 0.38 18.28 -18.84
N LYS B 63 0.37 17.08 -18.25
CA LYS B 63 -0.81 16.51 -17.65
C LYS B 63 -1.39 17.34 -16.49
N PHE B 64 -0.55 18.16 -15.85
CA PHE B 64 -1.01 18.96 -14.73
C PHE B 64 -1.05 20.45 -15.00
N LYS B 65 -0.61 20.85 -16.19
CA LYS B 65 -0.63 22.26 -16.58
C LYS B 65 -2.08 22.70 -16.53
N GLY B 66 -2.42 23.55 -15.57
CA GLY B 66 -3.78 24.03 -15.47
C GLY B 66 -4.54 23.39 -14.31
N LYS B 67 -3.93 22.40 -13.68
CA LYS B 67 -4.55 21.71 -12.56
C LYS B 67 -3.74 22.06 -11.31
N ALA B 68 -2.43 22.09 -11.46
CA ALA B 68 -1.51 22.38 -10.36
C ALA B 68 -0.74 23.68 -10.58
N THR B 69 -0.51 24.40 -9.49
CA THR B 69 0.22 25.66 -9.54
C THR B 69 1.32 25.65 -8.49
N LEU B 70 2.57 25.82 -8.94
CA LEU B 70 3.68 25.81 -8.02
C LEU B 70 4.19 27.19 -7.69
N THR B 71 4.39 27.44 -6.41
CA THR B 71 4.90 28.74 -5.98
C THR B 71 5.89 28.45 -4.86
N ALA B 72 6.71 29.43 -4.56
CA ALA B 72 7.71 29.30 -3.50
C ALA B 72 7.79 30.63 -2.76
N ASP B 73 8.15 30.58 -1.49
CA ASP B 73 8.26 31.78 -0.68
C ASP B 73 9.62 31.84 0.01
N LYS B 74 10.48 32.71 -0.50
CA LYS B 74 11.83 32.90 0.03
C LYS B 74 11.94 33.04 1.55
N SER B 75 11.23 34.02 2.11
CA SER B 75 11.28 34.29 3.54
C SER B 75 10.96 33.14 4.49
N SER B 76 10.14 32.20 4.07
CA SER B 76 9.84 31.07 4.95
C SER B 76 10.41 29.78 4.39
N THR B 77 11.25 29.89 3.35
CA THR B 77 11.86 28.74 2.68
C THR B 77 10.85 27.60 2.54
N THR B 78 9.72 27.93 1.94
CA THR B 78 8.63 26.98 1.75
C THR B 78 8.10 26.95 0.32
N ALA B 79 8.00 25.75 -0.24
CA ALA B 79 7.48 25.58 -1.60
C ALA B 79 6.01 25.23 -1.45
N PHE B 80 5.21 25.63 -2.44
CA PHE B 80 3.78 25.37 -2.40
C PHE B 80 3.28 24.74 -3.68
N MET B 81 2.25 23.91 -3.53
CA MET B 81 1.61 23.29 -4.67
C MET B 81 0.13 23.36 -4.42
N GLU B 82 -0.58 24.05 -5.31
CA GLU B 82 -2.02 24.15 -5.20
C GLU B 82 -2.69 23.33 -6.31
N LEU B 83 -3.72 22.59 -5.92
CA LEU B 83 -4.50 21.73 -6.79
C LEU B 83 -5.95 22.22 -6.80
N SER B 84 -6.55 22.39 -7.97
CA SER B 84 -7.93 22.86 -8.04
C SER B 84 -8.86 21.83 -8.67
N SER B 85 -10.16 22.01 -8.45
CA SER B 85 -11.17 21.11 -8.98
C SER B 85 -10.82 19.67 -8.64
N LEU B 86 -10.67 19.38 -7.34
CA LEU B 86 -10.30 18.04 -6.89
C LEU B 86 -11.35 17.02 -7.31
N THR B 87 -10.91 15.82 -7.65
CA THR B 87 -11.86 14.83 -8.15
C THR B 87 -11.71 13.35 -7.79
N SER B 88 -11.14 13.01 -6.64
CA SER B 88 -10.95 11.59 -6.25
C SER B 88 -9.83 10.96 -7.08
N GLU B 89 -9.72 11.37 -8.33
CA GLU B 89 -8.64 10.91 -9.18
C GLU B 89 -7.40 11.66 -8.68
N ASP B 90 -7.62 12.64 -7.80
CA ASP B 90 -6.53 13.42 -7.24
C ASP B 90 -6.21 12.94 -5.83
N SER B 91 -7.00 11.99 -5.33
CA SER B 91 -6.76 11.39 -4.02
C SER B 91 -5.43 10.67 -4.16
N ALA B 92 -4.45 11.04 -3.35
CA ALA B 92 -3.15 10.41 -3.46
C ALA B 92 -2.20 10.91 -2.39
N VAL B 93 -0.97 10.41 -2.43
CA VAL B 93 0.02 10.90 -1.49
C VAL B 93 0.88 11.81 -2.36
N TYR B 94 1.22 13.00 -1.87
CA TYR B 94 2.03 13.91 -2.66
C TYR B 94 3.36 14.17 -2.00
N TYR B 95 4.44 14.12 -2.77
CA TYR B 95 5.77 14.34 -2.24
C TYR B 95 6.46 15.55 -2.86
N CYS B 96 7.25 16.24 -2.06
CA CYS B 96 8.04 17.31 -2.64
C CYS B 96 9.42 16.69 -2.58
N THR B 97 10.28 17.07 -3.50
CA THR B 97 11.60 16.52 -3.48
C THR B 97 12.61 17.46 -4.08
N ARG B 98 13.87 17.24 -3.76
CA ARG B 98 14.96 18.06 -4.25
C ARG B 98 15.73 17.12 -5.17
N LYS B 99 15.10 15.98 -5.44
CA LYS B 99 15.64 14.90 -6.27
C LYS B 99 16.51 13.97 -5.44
N ASP B 100 17.16 14.52 -4.42
CA ASP B 100 17.93 13.67 -3.55
C ASP B 100 17.15 13.55 -2.25
N TYR B 101 16.75 14.66 -1.65
CA TYR B 101 15.95 14.59 -0.42
C TYR B 101 14.47 14.48 -0.81
N TRP B 102 13.69 13.79 0.01
CA TRP B 102 12.25 13.63 -0.22
C TRP B 102 11.48 14.01 1.05
N GLY B 103 10.34 14.67 0.87
CA GLY B 103 9.52 15.02 2.01
C GLY B 103 8.88 13.73 2.49
N GLN B 104 8.20 13.77 3.63
CA GLN B 104 7.58 12.57 4.16
C GLN B 104 6.26 12.32 3.44
N GLY B 105 5.82 13.31 2.66
CA GLY B 105 4.59 13.20 1.91
C GLY B 105 3.34 13.70 2.60
N THR B 106 2.35 14.04 1.79
CA THR B 106 1.06 14.51 2.28
C THR B 106 -0.03 13.67 1.64
N LEU B 107 -0.90 13.10 2.48
CA LEU B 107 -2.00 12.30 2.00
C LEU B 107 -3.17 13.24 1.74
N VAL B 108 -3.71 13.16 0.54
CA VAL B 108 -4.86 13.96 0.16
C VAL B 108 -5.97 12.98 -0.20
N THR B 109 -7.12 13.16 0.43
CA THR B 109 -8.27 12.30 0.19
C THR B 109 -9.44 13.14 -0.27
N VAL B 110 -9.90 12.90 -1.50
CA VAL B 110 -11.02 13.63 -2.03
C VAL B 110 -12.26 12.76 -1.85
N SER B 111 -13.13 13.18 -0.94
CA SER B 111 -14.34 12.43 -0.65
C SER B 111 -15.46 13.32 -0.10
N ALA B 112 -16.69 12.88 -0.28
CA ALA B 112 -17.83 13.62 0.23
C ALA B 112 -18.33 12.94 1.51
N ALA B 113 -17.79 11.76 1.78
CA ALA B 113 -18.16 10.97 2.94
C ALA B 113 -18.08 11.73 4.26
N LYS B 114 -19.06 11.48 5.13
CA LYS B 114 -19.08 12.13 6.43
C LYS B 114 -18.55 11.13 7.44
N THR B 115 -18.18 11.63 8.62
CA THR B 115 -17.67 10.75 9.67
C THR B 115 -18.69 9.64 9.94
N THR B 116 -18.23 8.40 9.89
CA THR B 116 -19.13 7.28 10.12
C THR B 116 -18.50 6.16 10.95
N ALA B 117 -19.16 5.79 12.02
CA ALA B 117 -18.68 4.73 12.90
C ALA B 117 -18.78 3.38 12.17
N PRO B 118 -17.80 2.49 12.41
CA PRO B 118 -17.79 1.17 11.78
C PRO B 118 -18.66 0.17 12.51
N SER B 119 -19.32 -0.70 11.75
CA SER B 119 -20.12 -1.74 12.37
C SER B 119 -19.14 -2.91 12.41
N VAL B 120 -19.02 -3.54 13.57
CA VAL B 120 -18.08 -4.65 13.75
C VAL B 120 -18.80 -5.99 13.89
N TYR B 121 -18.43 -6.94 13.03
CA TYR B 121 -19.05 -8.26 13.05
C TYR B 121 -18.07 -9.38 13.41
N PRO B 122 -18.54 -10.37 14.19
CA PRO B 122 -17.71 -11.50 14.61
C PRO B 122 -17.71 -12.58 13.56
N LEU B 123 -16.52 -12.98 13.12
CA LEU B 123 -16.40 -14.02 12.12
C LEU B 123 -15.97 -15.31 12.80
N VAL B 124 -16.95 -16.20 12.96
CA VAL B 124 -16.74 -17.49 13.59
C VAL B 124 -16.65 -18.55 12.52
N PRO B 125 -15.86 -19.61 12.76
CA PRO B 125 -15.71 -20.68 11.77
C PRO B 125 -17.03 -21.29 11.31
N VAL B 126 -17.01 -21.81 10.09
CA VAL B 126 -18.18 -22.45 9.51
C VAL B 126 -18.56 -23.61 10.43
N CYS B 127 -19.84 -23.76 10.72
CA CYS B 127 -20.32 -24.83 11.59
C CYS B 127 -19.60 -26.13 11.28
N GLY B 128 -18.76 -26.55 12.22
CA GLY B 128 -17.97 -27.75 12.06
C GLY B 128 -16.56 -27.32 11.69
N GLY B 129 -16.13 -27.64 10.48
CA GLY B 129 -14.80 -27.28 10.02
C GLY B 129 -13.72 -27.06 11.06
N THR B 130 -13.69 -27.93 12.06
CA THR B 130 -12.68 -27.83 13.11
C THR B 130 -11.48 -28.64 12.67
N THR B 131 -11.74 -29.61 11.78
CA THR B 131 -10.72 -30.49 11.24
C THR B 131 -9.33 -29.86 11.24
N GLY B 132 -8.58 -30.12 12.30
CA GLY B 132 -7.24 -29.57 12.41
C GLY B 132 -6.82 -29.23 13.82
N SER B 133 -5.53 -28.99 14.01
CA SER B 133 -4.98 -28.66 15.30
C SER B 133 -5.22 -27.19 15.64
N SER B 134 -5.57 -26.41 14.64
CA SER B 134 -5.81 -24.99 14.85
C SER B 134 -7.15 -24.53 14.31
N VAL B 135 -7.56 -23.35 14.72
CA VAL B 135 -8.82 -22.76 14.28
C VAL B 135 -8.59 -21.28 13.96
N THR B 136 -9.20 -20.83 12.86
CA THR B 136 -9.07 -19.45 12.45
C THR B 136 -10.36 -18.67 12.66
N LEU B 137 -10.26 -17.58 13.40
CA LEU B 137 -11.41 -16.72 13.67
C LEU B 137 -11.19 -15.39 12.95
N GLY B 138 -12.25 -14.62 12.76
CA GLY B 138 -12.10 -13.36 12.07
C GLY B 138 -12.89 -12.21 12.64
N CYS B 139 -12.62 -11.01 12.13
CA CYS B 139 -13.29 -9.80 12.57
C CYS B 139 -13.40 -8.86 11.36
N LEU B 140 -14.62 -8.45 11.05
CA LEU B 140 -14.88 -7.57 9.90
C LEU B 140 -15.33 -6.19 10.35
N VAL B 141 -14.52 -5.18 10.03
CA VAL B 141 -14.81 -3.78 10.38
C VAL B 141 -15.34 -3.11 9.12
N LYS B 142 -16.65 -2.97 9.04
CA LYS B 142 -17.27 -2.44 7.85
C LYS B 142 -17.93 -1.07 7.91
N GLY B 143 -17.85 -0.36 6.79
CA GLY B 143 -18.45 0.95 6.65
C GLY B 143 -18.09 2.08 7.61
N TYR B 144 -16.83 2.48 7.63
CA TYR B 144 -16.44 3.58 8.50
C TYR B 144 -15.69 4.65 7.71
N PHE B 145 -15.61 5.84 8.29
CA PHE B 145 -14.93 6.97 7.68
C PHE B 145 -14.73 8.07 8.72
N PRO B 146 -13.52 8.65 8.74
CA PRO B 146 -12.41 8.32 7.86
C PRO B 146 -11.48 7.32 8.56
N GLU B 147 -10.28 7.14 8.01
CA GLU B 147 -9.32 6.25 8.63
C GLU B 147 -8.70 7.11 9.73
N PRO B 148 -7.98 6.49 10.66
CA PRO B 148 -7.73 5.06 10.70
C PRO B 148 -8.63 4.43 11.75
N VAL B 149 -8.54 3.12 11.87
CA VAL B 149 -9.32 2.39 12.86
C VAL B 149 -8.36 1.28 13.30
N THR B 150 -7.94 1.31 14.55
CA THR B 150 -7.02 0.30 15.05
C THR B 150 -7.80 -0.80 15.74
N LEU B 151 -7.36 -2.04 15.55
CA LEU B 151 -8.01 -3.18 16.18
C LEU B 151 -6.99 -4.15 16.72
N THR B 152 -7.35 -4.82 17.80
CA THR B 152 -6.48 -5.80 18.44
C THR B 152 -7.33 -6.98 18.91
N TRP B 153 -6.67 -8.05 19.34
CA TRP B 153 -7.37 -9.23 19.83
C TRP B 153 -7.11 -9.40 21.32
N ASN B 154 -8.18 -9.65 22.07
CA ASN B 154 -8.12 -9.81 23.51
C ASN B 154 -7.28 -8.68 24.11
N SER B 155 -7.69 -7.46 23.83
CA SER B 155 -7.02 -6.26 24.33
C SER B 155 -5.50 -6.30 24.15
N GLY B 156 -5.04 -6.84 23.03
CA GLY B 156 -3.62 -6.89 22.76
C GLY B 156 -2.92 -8.16 23.20
N SER B 157 -3.56 -8.91 24.10
CA SER B 157 -2.99 -10.16 24.60
C SER B 157 -2.71 -11.17 23.50
N LEU B 158 -3.44 -11.07 22.39
CA LEU B 158 -3.25 -11.96 21.26
C LEU B 158 -2.63 -11.18 20.11
N SER B 159 -1.43 -11.56 19.73
CA SER B 159 -0.72 -10.87 18.64
C SER B 159 -0.09 -11.81 17.61
N SER B 160 0.26 -13.02 18.05
CA SER B 160 0.87 -13.97 17.13
C SER B 160 -0.25 -14.66 16.37
N GLY B 161 0.00 -14.99 15.11
CA GLY B 161 -1.02 -15.63 14.29
C GLY B 161 -2.15 -14.68 13.92
N VAL B 162 -1.87 -13.39 13.94
CA VAL B 162 -2.87 -12.37 13.61
C VAL B 162 -2.56 -11.71 12.26
N HIS B 163 -3.60 -11.51 11.46
CA HIS B 163 -3.44 -10.85 10.16
C HIS B 163 -4.48 -9.76 9.98
N THR B 164 -4.08 -8.51 10.20
CA THR B 164 -5.02 -7.41 10.02
C THR B 164 -4.72 -6.82 8.64
N PHE B 165 -5.64 -7.03 7.70
CA PHE B 165 -5.47 -6.55 6.34
C PHE B 165 -5.71 -5.06 6.13
N PRO B 166 -5.03 -4.49 5.12
CA PRO B 166 -5.17 -3.06 4.81
C PRO B 166 -6.63 -2.75 4.45
N ALA B 167 -7.13 -1.62 4.94
CA ALA B 167 -8.50 -1.22 4.67
C ALA B 167 -8.69 -0.94 3.18
N LEU B 168 -9.94 -0.99 2.74
CA LEU B 168 -10.26 -0.77 1.34
C LEU B 168 -11.57 0.00 1.22
N LEU B 169 -11.63 0.89 0.23
CA LEU B 169 -12.85 1.67 0.00
C LEU B 169 -13.94 0.75 -0.51
N GLN B 170 -15.10 0.80 0.16
CA GLN B 170 -16.23 -0.02 -0.22
C GLN B 170 -17.43 0.91 -0.30
N SER B 171 -17.83 1.22 -1.53
CA SER B 171 -18.94 2.11 -1.79
C SER B 171 -18.88 3.37 -0.92
N GLY B 172 -17.81 4.15 -1.12
CA GLY B 172 -17.62 5.41 -0.40
C GLY B 172 -17.05 5.30 1.03
N LEU B 173 -17.16 4.13 1.65
CA LEU B 173 -16.65 3.96 3.02
C LEU B 173 -15.51 2.96 3.11
N TYR B 174 -14.94 2.82 4.31
CA TYR B 174 -13.82 1.89 4.53
C TYR B 174 -14.21 0.57 5.19
N THR B 175 -13.56 -0.50 4.73
CA THR B 175 -13.79 -1.83 5.28
C THR B 175 -12.46 -2.52 5.54
N LEU B 176 -12.38 -3.15 6.71
CA LEU B 176 -11.18 -3.86 7.12
C LEU B 176 -11.55 -5.20 7.71
N SER B 177 -10.59 -6.13 7.67
CA SER B 177 -10.82 -7.47 8.21
C SER B 177 -9.54 -7.98 8.85
N SER B 178 -9.68 -8.84 9.85
CA SER B 178 -8.53 -9.38 10.53
C SER B 178 -8.78 -10.81 10.92
N SER B 179 -7.76 -11.64 10.78
CA SER B 179 -7.87 -13.04 11.17
C SER B 179 -6.85 -13.33 12.25
N VAL B 180 -7.15 -14.35 13.04
CA VAL B 180 -6.27 -14.78 14.12
C VAL B 180 -6.38 -16.29 14.16
N THR B 181 -5.25 -16.95 14.40
CA THR B 181 -5.23 -18.39 14.46
C THR B 181 -4.68 -18.92 15.78
N VAL B 182 -5.46 -19.80 16.40
CA VAL B 182 -5.09 -20.41 17.68
C VAL B 182 -5.29 -21.92 17.55
N THR B 183 -4.70 -22.67 18.46
CA THR B 183 -4.83 -24.13 18.43
C THR B 183 -6.27 -24.51 18.72
N SER B 184 -6.77 -25.53 18.03
CA SER B 184 -8.15 -25.96 18.18
C SER B 184 -8.66 -26.20 19.61
N ASN B 185 -7.81 -26.64 20.52
CA ASN B 185 -8.29 -26.89 21.89
C ASN B 185 -8.27 -25.62 22.73
N THR B 186 -7.87 -24.51 22.13
CA THR B 186 -7.82 -23.22 22.83
C THR B 186 -9.20 -22.57 22.78
N TRP B 187 -9.77 -22.51 21.59
CA TRP B 187 -11.09 -21.89 21.37
C TRP B 187 -12.10 -22.97 21.02
N PRO B 188 -13.37 -22.80 21.45
CA PRO B 188 -13.91 -21.68 22.23
C PRO B 188 -13.87 -21.79 23.75
N SER B 189 -13.22 -22.82 24.30
CA SER B 189 -13.16 -22.97 25.74
C SER B 189 -12.71 -21.64 26.35
N GLN B 190 -11.71 -21.03 25.73
CA GLN B 190 -11.21 -19.73 26.18
C GLN B 190 -11.79 -18.68 25.23
N THR B 191 -12.14 -17.51 25.75
CA THR B 191 -12.74 -16.47 24.92
C THR B 191 -11.78 -15.61 24.11
N ILE B 192 -12.16 -15.38 22.85
CA ILE B 192 -11.40 -14.55 21.93
C ILE B 192 -12.26 -13.33 21.66
N THR B 193 -11.71 -12.14 21.82
CA THR B 193 -12.48 -10.92 21.58
C THR B 193 -11.77 -9.99 20.63
N CYS B 194 -12.56 -9.31 19.81
CA CYS B 194 -12.02 -8.36 18.84
C CYS B 194 -12.25 -6.93 19.36
N ASN B 195 -11.16 -6.20 19.58
CA ASN B 195 -11.26 -4.82 20.07
C ASN B 195 -11.07 -3.88 18.89
N VAL B 196 -12.08 -3.08 18.61
CA VAL B 196 -12.02 -2.14 17.51
C VAL B 196 -12.30 -0.72 18.00
N ALA B 197 -11.43 0.20 17.63
CA ALA B 197 -11.62 1.59 18.05
C ALA B 197 -11.54 2.50 16.85
N HIS B 198 -12.45 3.45 16.78
CA HIS B 198 -12.47 4.43 15.70
C HIS B 198 -12.45 5.83 16.30
N PRO B 199 -11.25 6.38 16.53
CA PRO B 199 -11.08 7.71 17.11
C PRO B 199 -12.02 8.76 16.51
N ALA B 200 -11.95 8.90 15.19
CA ALA B 200 -12.78 9.86 14.47
C ALA B 200 -14.19 10.01 15.04
N SER B 201 -14.87 8.89 15.26
CA SER B 201 -16.23 8.91 15.80
C SER B 201 -16.24 8.55 17.28
N SER B 202 -15.07 8.58 17.91
CA SER B 202 -14.93 8.23 19.32
C SER B 202 -15.70 6.93 19.55
N THR B 203 -15.33 5.89 18.79
CA THR B 203 -15.99 4.60 18.91
C THR B 203 -15.03 3.55 19.47
N LYS B 204 -15.49 2.85 20.50
CA LYS B 204 -14.70 1.79 21.11
C LYS B 204 -15.62 0.58 21.16
N VAL B 205 -15.36 -0.40 20.30
CA VAL B 205 -16.18 -1.60 20.24
C VAL B 205 -15.38 -2.86 20.54
N ASP B 206 -15.96 -3.73 21.37
CA ASP B 206 -15.34 -5.00 21.73
C ASP B 206 -16.37 -6.06 21.42
N LYS B 207 -15.97 -7.16 20.79
CA LYS B 207 -16.93 -8.20 20.49
C LYS B 207 -16.35 -9.62 20.50
N LYS B 208 -16.98 -10.46 21.30
CA LYS B 208 -16.58 -11.85 21.48
C LYS B 208 -17.00 -12.74 20.32
N ILE B 209 -16.11 -13.62 19.89
CA ILE B 209 -16.42 -14.54 18.81
C ILE B 209 -17.07 -15.78 19.44
N GLU B 210 -18.36 -15.95 19.16
CA GLU B 210 -19.13 -17.07 19.69
C GLU B 210 -19.40 -18.07 18.56
N PRO B 211 -19.35 -19.37 18.86
CA PRO B 211 -19.61 -20.37 17.82
C PRO B 211 -20.98 -20.14 17.17
N ARG B 212 -21.23 -20.81 16.04
CA ARG B 212 -22.50 -20.68 15.34
C ARG B 212 -23.51 -21.74 15.77
N VAL B 213 -24.72 -21.65 15.22
CA VAL B 213 -25.79 -22.60 15.54
C VAL B 213 -26.42 -22.23 16.88
N ASP C 1 25.83 18.23 0.65
CA ASP C 1 26.56 17.16 -0.07
C ASP C 1 26.44 17.33 -1.59
N ALA C 2 25.24 17.14 -2.14
CA ALA C 2 25.04 17.29 -3.58
C ALA C 2 24.94 18.77 -3.96
N THR C 3 25.43 19.09 -5.15
CA THR C 3 25.42 20.45 -5.65
C THR C 3 24.22 20.57 -6.59
N PRO C 4 23.98 21.78 -7.12
CA PRO C 4 22.87 21.95 -8.05
C PRO C 4 22.98 21.05 -9.29
N GLU C 5 23.80 20.01 -9.16
CA GLU C 5 24.02 18.99 -10.19
C GLU C 5 22.90 17.95 -10.00
N ASP C 6 21.76 18.43 -9.50
CA ASP C 6 20.57 17.63 -9.28
C ASP C 6 19.56 18.22 -10.24
N LEU C 7 19.88 19.40 -10.74
CA LEU C 7 18.97 20.17 -11.58
C LEU C 7 19.65 21.42 -12.09
N GLY C 8 19.29 22.56 -11.50
CA GLY C 8 19.90 23.82 -11.88
C GLY C 8 19.17 24.63 -12.94
N ALA C 9 18.73 23.98 -14.00
CA ALA C 9 18.04 24.68 -15.09
C ALA C 9 16.77 25.40 -14.64
N ARG C 10 16.87 26.18 -13.58
CA ARG C 10 15.72 26.90 -13.01
C ARG C 10 14.48 26.04 -13.24
N LEU C 11 13.50 26.56 -13.95
CA LEU C 11 12.26 25.85 -14.25
C LEU C 11 12.02 24.67 -13.30
#